data_2IGX
#
_entry.id   2IGX
#
_cell.length_a   67.476
_cell.length_b   154.743
_cell.length_c   39.257
_cell.angle_alpha   90.00
_cell.angle_beta   90.00
_cell.angle_gamma   90.00
#
_symmetry.space_group_name_H-M   'P 21 21 2'
#
loop_
_entity.id
_entity.type
_entity.pdbx_description
1 polymer Plasmepsin-2
2 non-polymer "5-PENTYL-N-{[4'-(PIPERIDIN-1-YLCARBONYL)BIPHENYL-4-YL]METHYL}-N-[1-(PYRIDIN-2-YLMETHYL)PIPERIDIN-4-YL]PYRIDINE-2-CARBOXAMIDE"
3 water water
#
_entity_poly.entity_id   1
_entity_poly.type   'polypeptide(L)'
_entity_poly.pdbx_seq_one_letter_code
;SSNDNIELVDFQNIMFYGDAEVGDNQQPFTFILDTGSANLWVPSVKCTTAGCLTKHLYDSSKSRTYEKDGTKVEMNYVSG
TVSGFFSKDLVTVGNLSLPYKFIEVIDTNGFEPTYTASTFDGILGLGWKDLSIGSVDPIVVELKNQNKIENALFTFYLPV
HDKHTGFLTIGGIEERFYEGPLTYEKLNHDLYWQITLDAHVGNIMLEKANCIVDSGTSAITVPTDFLNKMLQNLDVIKVP
FLPFYVTLCNNSKLPTFEFTSENGKYTLEPEYYLQHIEDVGPGLCMLNIIGLDFPVPTFILGDPFMRKYFTVFDYDNHSV
GIALAKKNL
;
_entity_poly.pdbx_strand_id   A
#
loop_
_chem_comp.id
_chem_comp.type
_chem_comp.name
_chem_comp.formula
A1T non-polymer 5-PENTYL-N-{[4'-(PIPERIDIN-1-YLCARBONYL)BIPHENYL-4-YL]METHYL}-N-[1-(PYRIDIN-2-YLMETHYL)PIPERIDIN-4-YL]PYRIDINE-2-CARBOXAMIDE 'C41 H49 N5 O2'
#
# COMPACT_ATOMS: atom_id res chain seq x y z
N SER A 1 -14.22 19.20 -1.97
CA SER A 1 -13.09 19.32 -2.93
C SER A 1 -13.54 19.12 -4.37
N SER A 2 -12.76 19.66 -5.31
CA SER A 2 -12.95 19.37 -6.73
C SER A 2 -12.54 17.92 -7.04
N ASN A 3 -11.76 17.31 -6.15
CA ASN A 3 -11.19 15.98 -6.36
C ASN A 3 -12.03 14.90 -5.68
N ASP A 4 -11.77 13.66 -6.04
CA ASP A 4 -12.46 12.52 -5.47
C ASP A 4 -11.67 12.05 -4.25
N ASN A 5 -12.27 12.07 -3.07
CA ASN A 5 -11.59 11.69 -1.81
C ASN A 5 -12.20 10.45 -1.20
N ILE A 6 -11.38 9.44 -0.91
CA ILE A 6 -11.80 8.20 -0.28
C ILE A 6 -11.18 8.16 1.12
N GLU A 7 -12.00 8.20 2.16
CA GLU A 7 -11.45 8.17 3.53
C GLU A 7 -10.80 6.82 3.88
N LEU A 8 -9.64 6.89 4.52
CA LEU A 8 -8.86 5.69 4.93
C LEU A 8 -8.94 5.49 6.43
N VAL A 9 -9.03 4.23 6.86
N VAL A 9 -9.06 4.23 6.84
CA VAL A 9 -9.16 3.91 8.27
CA VAL A 9 -9.16 3.83 8.24
C VAL A 9 -8.04 2.99 8.73
C VAL A 9 -7.94 3.03 8.65
N ASP A 10 -7.31 3.41 9.76
CA ASP A 10 -6.18 2.66 10.29
C ASP A 10 -6.65 1.42 11.04
N PHE A 11 -5.92 0.32 10.90
CA PHE A 11 -6.15 -0.89 11.69
C PHE A 11 -4.89 -1.18 12.48
N GLN A 12 -4.89 -0.70 13.73
CA GLN A 12 -3.83 -1.02 14.71
C GLN A 12 -2.41 -0.74 14.24
N ASN A 13 -2.24 0.27 13.39
CA ASN A 13 -0.91 0.62 12.88
C ASN A 13 -0.31 -0.50 12.02
N ILE A 14 -1.13 -1.45 11.63
CA ILE A 14 -0.68 -2.60 10.82
C ILE A 14 -0.98 -2.39 9.34
N MET A 15 -2.21 -1.95 9.05
CA MET A 15 -2.61 -1.69 7.67
C MET A 15 -3.83 -0.77 7.70
N PHE A 16 -4.08 -0.09 6.60
CA PHE A 16 -5.26 0.77 6.53
C PHE A 16 -6.18 0.24 5.46
N TYR A 17 -7.46 0.62 5.50
N TYR A 17 -7.44 0.63 5.51
CA TYR A 17 -8.41 0.17 4.49
CA TYR A 17 -8.39 0.21 4.48
C TYR A 17 -9.29 1.32 4.00
C TYR A 17 -9.22 1.37 3.95
N GLY A 18 -9.87 1.13 2.81
CA GLY A 18 -10.82 2.08 2.23
C GLY A 18 -12.01 1.33 1.68
N ASP A 19 -13.15 1.99 1.57
CA ASP A 19 -14.33 1.32 1.03
C ASP A 19 -14.54 1.69 -0.43
N ALA A 20 -15.14 0.78 -1.18
CA ALA A 20 -15.56 1.08 -2.55
C ALA A 20 -16.72 0.14 -2.82
N GLU A 21 -17.44 0.37 -3.92
CA GLU A 21 -18.62 -0.41 -4.26
C GLU A 21 -18.49 -1.00 -5.66
N VAL A 22 -19.19 -2.11 -5.88
CA VAL A 22 -19.18 -2.76 -7.17
C VAL A 22 -20.64 -3.07 -7.51
N GLY A 23 -21.02 -2.89 -8.77
CA GLY A 23 -22.41 -3.11 -9.21
C GLY A 23 -23.17 -1.80 -9.22
N ASP A 24 -24.16 -1.68 -10.10
CA ASP A 24 -24.90 -0.41 -10.12
C ASP A 24 -25.85 -0.30 -8.93
N ASN A 25 -25.98 -1.39 -8.18
CA ASN A 25 -26.68 -1.38 -6.89
C ASN A 25 -25.76 -1.07 -5.71
N GLN A 26 -24.52 -0.70 -6.03
CA GLN A 26 -23.56 -0.20 -5.03
C GLN A 26 -23.29 -1.21 -3.90
N GLN A 27 -22.89 -2.43 -4.25
CA GLN A 27 -22.58 -3.45 -3.25
C GLN A 27 -21.29 -3.01 -2.53
N PRO A 28 -21.33 -2.90 -1.20
CA PRO A 28 -20.21 -2.35 -0.43
C PRO A 28 -19.12 -3.34 -0.09
N PHE A 29 -17.85 -2.89 -0.16
CA PHE A 29 -16.73 -3.73 0.23
C PHE A 29 -15.66 -2.88 0.91
N THR A 30 -14.87 -3.53 1.75
CA THR A 30 -13.69 -2.92 2.35
C THR A 30 -12.50 -3.44 1.57
N PHE A 31 -11.61 -2.53 1.17
CA PHE A 31 -10.45 -2.91 0.35
C PHE A 31 -9.12 -2.51 0.97
N ILE A 32 -8.13 -3.37 0.81
CA ILE A 32 -6.71 -2.91 0.80
C ILE A 32 -6.49 -2.11 -0.48
N LEU A 33 -5.88 -0.93 -0.35
CA LEU A 33 -5.62 -0.09 -1.52
C LEU A 33 -4.12 -0.17 -1.73
N ASP A 34 -3.71 -0.93 -2.75
CA ASP A 34 -2.34 -1.38 -2.87
C ASP A 34 -1.59 -0.87 -4.11
N THR A 35 -0.63 0.05 -3.93
CA THR A 35 0.18 0.53 -5.07
C THR A 35 1.14 -0.52 -5.58
N GLY A 36 1.26 -1.62 -4.85
CA GLY A 36 2.11 -2.73 -5.23
C GLY A 36 1.39 -3.86 -5.97
N SER A 37 0.11 -3.66 -6.27
CA SER A 37 -0.54 -4.59 -7.21
C SER A 37 -1.37 -3.86 -8.24
N ALA A 38 -1.92 -4.58 -9.22
CA ALA A 38 -2.54 -3.91 -10.36
C ALA A 38 -3.84 -4.54 -10.88
N ASN A 39 -4.52 -5.28 -10.01
CA ASN A 39 -5.88 -5.70 -10.34
C ASN A 39 -6.80 -5.39 -9.19
N LEU A 40 -8.08 -5.48 -9.47
CA LEU A 40 -9.12 -5.36 -8.43
C LEU A 40 -9.68 -6.74 -8.23
N TRP A 41 -9.61 -7.20 -6.97
CA TRP A 41 -9.98 -8.56 -6.60
C TRP A 41 -11.20 -8.49 -5.69
N VAL A 42 -12.28 -9.18 -6.04
CA VAL A 42 -13.56 -9.02 -5.33
C VAL A 42 -14.09 -10.43 -5.09
N PRO A 43 -14.46 -10.80 -3.87
CA PRO A 43 -14.91 -12.16 -3.60
C PRO A 43 -16.35 -12.33 -4.09
N SER A 44 -16.62 -13.46 -4.73
CA SER A 44 -17.94 -13.73 -5.29
C SER A 44 -18.90 -14.37 -4.29
N VAL A 45 -20.20 -14.12 -4.47
CA VAL A 45 -21.22 -14.93 -3.79
C VAL A 45 -21.06 -16.42 -4.13
N LYS A 46 -20.39 -16.69 -5.24
CA LYS A 46 -20.16 -18.08 -5.69
C LYS A 46 -18.97 -18.74 -4.97
N CYS A 47 -18.28 -17.97 -4.13
CA CYS A 47 -17.16 -18.50 -3.34
C CYS A 47 -17.68 -19.13 -2.07
N THR A 48 -17.37 -20.41 -1.85
CA THR A 48 -17.87 -21.13 -0.68
C THR A 48 -16.81 -21.55 0.33
N THR A 49 -15.57 -21.09 0.16
CA THR A 49 -14.52 -21.31 1.17
C THR A 49 -14.96 -20.74 2.51
N ALA A 50 -14.39 -21.25 3.60
CA ALA A 50 -14.70 -20.75 4.94
C ALA A 50 -14.38 -19.26 5.09
N GLY A 51 -13.31 -18.83 4.42
CA GLY A 51 -12.91 -17.43 4.41
C GLY A 51 -13.98 -16.51 3.87
N CYS A 52 -14.53 -16.86 2.70
CA CYS A 52 -15.55 -16.04 2.04
C CYS A 52 -16.83 -15.92 2.85
N LEU A 53 -17.15 -16.95 3.64
CA LEU A 53 -18.38 -16.93 4.44
C LEU A 53 -18.38 -15.85 5.50
N THR A 54 -17.21 -15.25 5.75
CA THR A 54 -17.13 -14.12 6.69
C THR A 54 -17.17 -12.75 6.00
N LYS A 55 -17.13 -12.72 4.68
CA LYS A 55 -16.92 -11.47 3.93
C LYS A 55 -18.19 -10.85 3.33
N HIS A 56 -18.10 -9.59 2.92
CA HIS A 56 -19.09 -9.02 1.97
C HIS A 56 -18.79 -9.62 0.60
N LEU A 57 -19.83 -10.11 -0.06
CA LEU A 57 -19.62 -10.86 -1.29
C LEU A 57 -20.34 -10.18 -2.46
N TYR A 58 -19.82 -10.35 -3.66
CA TYR A 58 -20.37 -9.70 -4.85
C TYR A 58 -21.33 -10.60 -5.58
N ASP A 59 -22.53 -10.08 -5.86
CA ASP A 59 -23.53 -10.83 -6.62
C ASP A 59 -23.82 -10.12 -7.95
N SER A 60 -23.28 -10.65 -9.03
CA SER A 60 -23.42 -10.02 -10.34
C SER A 60 -24.87 -9.94 -10.82
N SER A 61 -25.70 -10.87 -10.34
CA SER A 61 -27.10 -10.95 -10.76
C SER A 61 -27.93 -9.76 -10.26
N LYS A 62 -27.41 -9.05 -9.28
CA LYS A 62 -28.10 -7.91 -8.69
C LYS A 62 -27.74 -6.58 -9.36
N SER A 63 -26.81 -6.62 -10.32
CA SER A 63 -26.36 -5.39 -10.98
C SER A 63 -26.80 -5.34 -12.44
N ARG A 64 -27.45 -4.24 -12.82
CA ARG A 64 -27.91 -4.02 -14.20
C ARG A 64 -26.76 -3.83 -15.20
N THR A 65 -25.61 -3.39 -14.68
CA THR A 65 -24.44 -3.08 -15.53
C THR A 65 -23.39 -4.17 -15.60
N TYR A 66 -23.69 -5.34 -15.04
CA TYR A 66 -22.75 -6.44 -15.12
C TYR A 66 -22.61 -6.90 -16.56
N GLU A 67 -21.37 -7.06 -17.00
CA GLU A 67 -21.08 -7.55 -18.34
C GLU A 67 -20.19 -8.80 -18.21
N LYS A 68 -20.69 -9.94 -18.66
CA LYS A 68 -19.93 -11.19 -18.48
C LYS A 68 -18.62 -11.13 -19.26
N ASP A 69 -17.55 -11.70 -18.68
CA ASP A 69 -16.28 -11.86 -19.37
C ASP A 69 -15.95 -13.35 -19.27
N GLY A 70 -15.57 -13.80 -18.08
CA GLY A 70 -15.40 -15.22 -17.80
C GLY A 70 -13.98 -15.75 -17.95
N THR A 71 -13.08 -14.95 -18.54
CA THR A 71 -11.68 -15.37 -18.69
C THR A 71 -11.13 -15.84 -17.35
N LYS A 72 -10.64 -17.08 -17.30
CA LYS A 72 -10.20 -17.70 -16.06
C LYS A 72 -8.91 -17.09 -15.51
N VAL A 73 -8.88 -16.93 -14.19
CA VAL A 73 -7.69 -16.47 -13.49
C VAL A 73 -7.26 -17.52 -12.46
N GLU A 74 -6.00 -17.92 -12.55
CA GLU A 74 -5.36 -18.77 -11.57
C GLU A 74 -3.99 -18.14 -11.23
N MET A 75 -3.80 -17.79 -9.96
CA MET A 75 -2.55 -17.19 -9.48
C MET A 75 -2.08 -17.96 -8.24
N ASN A 76 -0.78 -18.23 -8.17
CA ASN A 76 -0.19 -18.90 -7.00
C ASN A 76 0.23 -17.91 -5.92
N TYR A 77 -0.28 -18.11 -4.70
CA TYR A 77 0.17 -17.31 -3.57
C TYR A 77 0.92 -18.21 -2.57
N VAL A 78 0.78 -17.91 -1.28
CA VAL A 78 1.52 -18.64 -0.24
C VAL A 78 0.89 -20.02 0.04
N SER A 79 -0.36 -20.02 0.49
CA SER A 79 -1.03 -21.27 0.86
C SER A 79 -1.69 -22.00 -0.32
N GLY A 80 -1.24 -21.68 -1.53
CA GLY A 80 -1.74 -22.32 -2.75
C GLY A 80 -2.33 -21.35 -3.76
N THR A 81 -3.21 -21.84 -4.62
CA THR A 81 -3.77 -21.00 -5.68
C THR A 81 -4.99 -20.18 -5.24
N VAL A 82 -5.08 -19.00 -5.84
CA VAL A 82 -6.29 -18.19 -5.76
C VAL A 82 -6.85 -18.22 -7.17
N SER A 83 -8.13 -18.55 -7.29
CA SER A 83 -8.73 -18.66 -8.61
C SER A 83 -10.06 -17.93 -8.72
N GLY A 84 -10.35 -17.52 -9.95
CA GLY A 84 -11.58 -16.84 -10.27
C GLY A 84 -11.65 -16.58 -11.75
N PHE A 85 -12.33 -15.51 -12.11
CA PHE A 85 -12.51 -15.15 -13.49
C PHE A 85 -12.80 -13.67 -13.59
N PHE A 86 -12.48 -13.11 -14.75
CA PHE A 86 -12.76 -11.69 -15.01
C PHE A 86 -14.25 -11.41 -15.16
N SER A 87 -14.68 -10.28 -14.63
CA SER A 87 -16.03 -9.77 -14.85
C SER A 87 -15.91 -8.25 -15.07
N LYS A 88 -16.91 -7.65 -15.69
CA LYS A 88 -16.97 -6.19 -15.83
C LYS A 88 -18.22 -5.65 -15.16
N ASP A 89 -18.10 -4.58 -14.40
CA ASP A 89 -19.27 -4.01 -13.75
C ASP A 89 -18.90 -2.60 -13.29
N LEU A 90 -19.87 -1.84 -12.83
CA LEU A 90 -19.58 -0.49 -12.35
C LEU A 90 -18.81 -0.58 -11.03
N VAL A 91 -17.70 0.15 -10.95
CA VAL A 91 -16.91 0.26 -9.74
C VAL A 91 -17.02 1.73 -9.29
N THR A 92 -17.38 1.95 -8.03
CA THR A 92 -17.54 3.30 -7.52
C THR A 92 -16.47 3.52 -6.46
N VAL A 93 -15.70 4.59 -6.62
CA VAL A 93 -14.62 4.92 -5.70
C VAL A 93 -14.87 6.35 -5.32
N GLY A 94 -15.25 6.59 -4.06
CA GLY A 94 -15.63 7.94 -3.67
C GLY A 94 -16.89 8.33 -4.44
N ASN A 95 -16.87 9.51 -5.07
CA ASN A 95 -18.01 9.99 -5.85
C ASN A 95 -17.90 9.75 -7.35
N LEU A 96 -16.95 8.89 -7.76
CA LEU A 96 -16.75 8.64 -9.18
C LEU A 96 -17.03 7.18 -9.42
N SER A 97 -17.61 6.88 -10.58
N SER A 97 -17.57 6.87 -10.60
CA SER A 97 -17.87 5.49 -10.99
CA SER A 97 -17.84 5.47 -10.98
C SER A 97 -17.41 5.29 -12.42
C SER A 97 -17.59 5.23 -12.46
N LEU A 98 -17.12 4.03 -12.78
CA LEU A 98 -16.85 3.64 -14.16
C LEU A 98 -17.00 2.12 -14.31
N PRO A 99 -17.41 1.65 -15.49
CA PRO A 99 -17.38 0.20 -15.75
C PRO A 99 -15.92 -0.20 -15.78
N TYR A 100 -15.60 -1.29 -15.08
CA TYR A 100 -14.20 -1.71 -14.90
C TYR A 100 -14.07 -3.24 -14.88
N LYS A 101 -12.95 -3.74 -15.40
CA LYS A 101 -12.69 -5.17 -15.43
C LYS A 101 -11.97 -5.61 -14.16
N PHE A 102 -12.60 -6.50 -13.41
CA PHE A 102 -12.04 -6.98 -12.16
C PHE A 102 -12.05 -8.49 -12.07
N ILE A 103 -11.37 -9.01 -11.07
CA ILE A 103 -11.30 -10.45 -10.85
C ILE A 103 -12.31 -10.85 -9.79
N GLU A 104 -13.28 -11.65 -10.23
CA GLU A 104 -14.28 -12.19 -9.36
C GLU A 104 -13.73 -13.50 -8.79
N VAL A 105 -13.50 -13.53 -7.48
CA VAL A 105 -12.76 -14.63 -6.84
C VAL A 105 -13.69 -15.73 -6.34
N ILE A 106 -13.41 -16.95 -6.78
CA ILE A 106 -14.21 -18.14 -6.45
C ILE A 106 -13.56 -19.01 -5.37
N ASP A 107 -12.23 -18.97 -5.29
CA ASP A 107 -11.49 -19.79 -4.32
C ASP A 107 -10.36 -18.96 -3.71
N THR A 108 -10.47 -18.69 -2.42
CA THR A 108 -9.50 -17.85 -1.69
C THR A 108 -8.53 -18.64 -0.83
N ASN A 109 -8.54 -19.97 -0.95
CA ASN A 109 -7.81 -20.82 -0.01
C ASN A 109 -6.29 -20.62 -0.01
N GLY A 110 -5.76 -20.14 -1.13
CA GLY A 110 -4.34 -19.77 -1.24
C GLY A 110 -3.93 -18.50 -0.52
N PHE A 111 -4.89 -17.82 0.12
CA PHE A 111 -4.67 -16.52 0.77
C PHE A 111 -4.97 -16.61 2.27
N GLU A 112 -4.89 -17.83 2.80
CA GLU A 112 -5.11 -18.09 4.23
C GLU A 112 -3.81 -18.35 4.97
N PRO A 113 -3.70 -18.00 6.26
CA PRO A 113 -4.78 -17.48 7.09
C PRO A 113 -5.06 -16.00 6.93
N THR A 114 -4.24 -15.33 6.11
CA THR A 114 -4.33 -13.88 5.96
C THR A 114 -5.77 -13.45 5.75
N TYR A 115 -6.44 -14.10 4.81
CA TYR A 115 -7.77 -13.64 4.37
C TYR A 115 -8.81 -13.78 5.49
N THR A 116 -8.85 -14.95 6.13
CA THR A 116 -9.83 -15.17 7.19
C THR A 116 -9.59 -14.24 8.37
N ALA A 117 -8.32 -14.05 8.73
CA ALA A 117 -7.93 -13.26 9.90
C ALA A 117 -8.02 -11.73 9.72
N SER A 118 -8.32 -11.28 8.51
N SER A 118 -8.34 -11.28 8.51
CA SER A 118 -8.38 -9.84 8.22
CA SER A 118 -8.42 -9.86 8.22
C SER A 118 -9.82 -9.33 8.05
C SER A 118 -9.86 -9.36 8.24
N THR A 119 -10.02 -8.03 8.28
CA THR A 119 -11.35 -7.43 8.19
C THR A 119 -11.66 -6.82 6.82
N PHE A 120 -10.77 -6.98 5.85
CA PHE A 120 -11.05 -6.49 4.47
C PHE A 120 -11.68 -7.58 3.61
N ASP A 121 -12.37 -7.17 2.55
CA ASP A 121 -12.99 -8.12 1.62
C ASP A 121 -12.18 -8.32 0.34
N GLY A 122 -11.54 -7.25 -0.14
CA GLY A 122 -10.92 -7.31 -1.45
C GLY A 122 -9.62 -6.54 -1.48
N ILE A 123 -8.94 -6.63 -2.62
CA ILE A 123 -7.72 -5.79 -2.86
C ILE A 123 -7.94 -4.96 -4.12
N LEU A 124 -7.70 -3.66 -4.01
CA LEU A 124 -7.81 -2.77 -5.16
C LEU A 124 -6.39 -2.30 -5.47
N GLY A 125 -5.85 -2.81 -6.59
CA GLY A 125 -4.50 -2.41 -7.00
C GLY A 125 -4.44 -1.01 -7.60
N LEU A 126 -3.31 -0.34 -7.40
CA LEU A 126 -3.11 0.99 -7.94
C LEU A 126 -1.75 1.09 -8.64
N GLY A 127 -1.27 -0.02 -9.19
CA GLY A 127 0.03 -0.04 -9.88
C GLY A 127 -0.17 0.24 -11.37
N TRP A 128 0.80 -0.22 -12.17
CA TRP A 128 0.80 0.04 -13.63
C TRP A 128 0.25 -1.12 -14.46
N LYS A 129 -0.20 -0.84 -15.67
CA LYS A 129 -0.82 -1.87 -16.53
C LYS A 129 0.05 -3.11 -16.69
N ASP A 130 1.36 -2.92 -16.84
CA ASP A 130 2.26 -4.06 -17.04
C ASP A 130 2.39 -5.00 -15.82
N LEU A 131 1.97 -4.52 -14.65
CA LEU A 131 2.02 -5.30 -13.44
C LEU A 131 0.74 -6.17 -13.34
N SER A 132 -0.27 -5.84 -14.14
CA SER A 132 -1.61 -6.46 -14.01
C SER A 132 -1.70 -7.80 -14.71
N ILE A 133 -2.63 -8.63 -14.24
CA ILE A 133 -3.05 -9.82 -14.97
C ILE A 133 -4.01 -9.30 -16.02
N GLY A 134 -3.83 -9.73 -17.25
CA GLY A 134 -4.78 -9.42 -18.31
C GLY A 134 -4.71 -8.03 -18.89
N SER A 135 -3.58 -7.34 -18.66
CA SER A 135 -3.31 -6.05 -19.30
C SER A 135 -4.45 -5.02 -19.11
N VAL A 136 -4.83 -4.80 -17.85
CA VAL A 136 -5.95 -3.92 -17.53
C VAL A 136 -5.42 -2.52 -17.23
N ASP A 137 -5.96 -1.51 -17.91
CA ASP A 137 -5.62 -0.11 -17.63
C ASP A 137 -6.03 0.23 -16.20
N PRO A 138 -5.13 0.86 -15.46
CA PRO A 138 -5.42 1.29 -14.08
C PRO A 138 -6.70 2.14 -14.01
N ILE A 139 -7.42 2.03 -12.88
CA ILE A 139 -8.65 2.80 -12.63
C ILE A 139 -8.46 4.29 -12.86
N VAL A 140 -7.39 4.84 -12.31
CA VAL A 140 -7.17 6.27 -12.44
C VAL A 140 -6.87 6.70 -13.91
N VAL A 141 -6.13 5.87 -14.65
CA VAL A 141 -5.92 6.10 -16.08
C VAL A 141 -7.23 6.12 -16.86
N GLU A 142 -8.07 5.14 -16.57
CA GLU A 142 -9.38 5.00 -17.20
C GLU A 142 -10.28 6.21 -16.87
N LEU A 143 -10.27 6.67 -15.62
CA LEU A 143 -11.05 7.85 -15.22
C LEU A 143 -10.61 9.13 -15.96
N LYS A 144 -9.31 9.30 -16.17
CA LYS A 144 -8.78 10.44 -16.92
C LYS A 144 -9.19 10.38 -18.39
N ASN A 145 -9.08 9.18 -18.98
CA ASN A 145 -9.47 9.01 -20.37
C ASN A 145 -10.91 9.40 -20.61
N GLN A 146 -11.74 9.24 -19.59
CA GLN A 146 -13.17 9.55 -19.69
C GLN A 146 -13.53 10.96 -19.23
N ASN A 147 -12.51 11.77 -18.98
CA ASN A 147 -12.68 13.17 -18.60
C ASN A 147 -13.45 13.34 -17.29
N LYS A 148 -13.34 12.32 -16.44
CA LYS A 148 -13.96 12.35 -15.13
C LYS A 148 -13.03 13.02 -14.14
N ILE A 149 -11.74 13.03 -14.47
CA ILE A 149 -10.73 13.78 -13.73
C ILE A 149 -9.82 14.50 -14.73
N GLU A 150 -9.14 15.56 -14.28
CA GLU A 150 -8.29 16.34 -15.16
C GLU A 150 -6.81 15.94 -15.19
N ASN A 151 -6.36 15.16 -14.21
CA ASN A 151 -5.00 14.64 -14.22
C ASN A 151 -5.06 13.17 -13.81
N ALA A 152 -4.30 12.30 -14.46
CA ALA A 152 -4.30 10.89 -14.07
C ALA A 152 -3.27 10.72 -12.96
N LEU A 153 -3.65 11.11 -11.75
CA LEU A 153 -2.77 10.97 -10.61
C LEU A 153 -3.66 10.70 -9.39
N PHE A 154 -3.07 10.10 -8.38
CA PHE A 154 -3.70 9.94 -7.08
C PHE A 154 -2.68 10.22 -6.01
N THR A 155 -3.18 10.55 -4.83
CA THR A 155 -2.32 10.85 -3.68
C THR A 155 -2.71 10.08 -2.45
N PHE A 156 -1.73 9.80 -1.58
CA PHE A 156 -1.97 9.11 -0.30
C PHE A 156 -1.59 9.99 0.86
N TYR A 157 -2.58 10.27 1.71
CA TYR A 157 -2.32 10.86 3.03
C TYR A 157 -2.73 9.82 4.05
N LEU A 158 -1.76 9.09 4.58
CA LEU A 158 -2.07 7.92 5.39
C LEU A 158 -2.62 8.30 6.78
N PRO A 159 -3.56 7.50 7.30
CA PRO A 159 -4.07 7.76 8.65
C PRO A 159 -2.99 7.40 9.66
N VAL A 160 -2.99 8.07 10.80
CA VAL A 160 -2.01 7.77 11.85
C VAL A 160 -2.77 7.35 13.08
N HIS A 161 -2.44 6.17 13.58
CA HIS A 161 -3.06 5.57 14.76
C HIS A 161 -3.07 6.57 15.92
N ASP A 162 -4.27 6.82 16.45
CA ASP A 162 -4.49 7.74 17.58
C ASP A 162 -4.16 9.22 17.29
N LYS A 163 -4.07 9.60 16.01
CA LYS A 163 -3.78 10.99 15.67
C LYS A 163 -4.76 11.62 14.68
N HIS A 164 -4.91 11.01 13.51
CA HIS A 164 -5.78 11.58 12.48
C HIS A 164 -6.21 10.58 11.44
N THR A 165 -7.21 10.98 10.67
CA THR A 165 -7.74 10.17 9.59
C THR A 165 -6.81 10.22 8.35
N GLY A 166 -7.10 9.42 7.33
CA GLY A 166 -6.31 9.40 6.09
C GLY A 166 -7.22 9.56 4.89
N PHE A 167 -6.63 9.90 3.74
CA PHE A 167 -7.37 10.00 2.47
C PHE A 167 -6.58 9.48 1.30
N LEU A 168 -7.25 8.70 0.45
CA LEU A 168 -6.80 8.50 -0.94
C LEU A 168 -7.53 9.56 -1.79
N THR A 169 -6.77 10.38 -2.53
CA THR A 169 -7.38 11.46 -3.34
C THR A 169 -7.11 11.19 -4.80
N ILE A 170 -8.13 11.23 -5.66
CA ILE A 170 -7.91 10.94 -7.07
C ILE A 170 -8.11 12.22 -7.89
N GLY A 171 -7.12 12.59 -8.69
CA GLY A 171 -7.34 13.64 -9.67
C GLY A 171 -6.64 14.97 -9.46
N GLY A 172 -6.06 15.17 -8.28
CA GLY A 172 -5.41 16.44 -7.99
C GLY A 172 -4.71 16.41 -6.65
N ILE A 173 -3.84 17.39 -6.45
CA ILE A 173 -3.01 17.44 -5.27
C ILE A 173 -3.54 18.57 -4.39
N GLU A 174 -3.90 18.24 -3.15
CA GLU A 174 -4.54 19.21 -2.22
C GLU A 174 -3.61 19.68 -1.14
N GLU A 175 -3.57 21.02 -0.95
CA GLU A 175 -2.66 21.63 0.02
C GLU A 175 -2.86 21.19 1.47
N ARG A 176 -4.09 20.77 1.82
CA ARG A 176 -4.35 20.41 3.18
C ARG A 176 -3.52 19.23 3.69
N PHE A 177 -2.93 18.45 2.76
CA PHE A 177 -2.26 17.21 3.14
C PHE A 177 -0.75 17.33 3.39
N TYR A 178 -0.13 18.40 2.90
CA TYR A 178 1.33 18.48 2.97
C TYR A 178 1.87 19.85 3.31
N GLU A 179 3.14 19.89 3.70
CA GLU A 179 3.85 21.14 3.96
C GLU A 179 5.24 21.08 3.34
N GLY A 180 5.82 22.25 3.07
CA GLY A 180 7.14 22.32 2.45
C GLY A 180 7.06 21.91 0.98
N PRO A 181 8.21 21.65 0.38
CA PRO A 181 8.27 21.38 -1.05
C PRO A 181 7.82 19.97 -1.40
N LEU A 182 7.12 19.87 -2.52
CA LEU A 182 6.85 18.57 -3.15
C LEU A 182 7.95 18.35 -4.17
N THR A 183 8.67 17.24 -4.04
N THR A 183 8.72 17.26 -4.03
CA THR A 183 9.72 16.94 -4.98
CA THR A 183 9.78 16.95 -5.00
C THR A 183 9.31 15.70 -5.74
C THR A 183 9.53 15.62 -5.69
N TYR A 184 9.70 15.62 -7.01
CA TYR A 184 9.33 14.48 -7.87
C TYR A 184 10.51 13.63 -8.26
N GLU A 185 10.27 12.33 -8.30
CA GLU A 185 11.29 11.34 -8.66
C GLU A 185 10.75 10.55 -9.84
N LYS A 186 11.52 10.45 -10.92
CA LYS A 186 11.09 9.69 -12.09
C LYS A 186 11.10 8.20 -11.81
N LEU A 187 10.13 7.49 -12.36
CA LEU A 187 10.04 6.04 -12.25
C LEU A 187 11.20 5.42 -13.03
N ASN A 188 11.79 4.36 -12.49
CA ASN A 188 12.79 3.60 -13.28
C ASN A 188 12.18 2.44 -14.08
N HIS A 189 10.90 2.12 -13.81
CA HIS A 189 10.10 1.18 -14.60
C HIS A 189 8.63 1.55 -14.45
N ASP A 190 7.83 1.34 -15.51
CA ASP A 190 6.37 1.49 -15.41
C ASP A 190 5.77 0.16 -14.99
N LEU A 191 5.97 -0.20 -13.73
CA LEU A 191 5.56 -1.51 -13.21
C LEU A 191 5.03 -1.33 -11.80
N TYR A 192 5.91 -1.44 -10.82
CA TYR A 192 5.64 -0.88 -9.50
C TYR A 192 5.91 0.62 -9.59
N TRP A 193 5.58 1.33 -8.52
CA TRP A 193 5.97 2.72 -8.42
C TRP A 193 7.37 2.74 -7.81
N GLN A 194 8.35 2.50 -8.69
CA GLN A 194 9.71 2.26 -8.28
C GLN A 194 10.60 3.37 -8.79
N ILE A 195 11.42 3.89 -7.89
CA ILE A 195 12.30 5.02 -8.15
C ILE A 195 13.70 4.71 -7.65
N THR A 196 14.66 5.52 -8.10
CA THR A 196 16.05 5.28 -7.78
C THR A 196 16.51 6.33 -6.76
N LEU A 197 16.98 5.84 -5.62
CA LEU A 197 17.44 6.70 -4.53
C LEU A 197 18.70 6.13 -3.90
N ASP A 198 19.62 7.02 -3.51
CA ASP A 198 20.77 6.61 -2.68
C ASP A 198 20.31 6.42 -1.25
N ALA A 199 20.63 5.27 -0.66
CA ALA A 199 20.23 5.00 0.71
C ALA A 199 21.43 5.00 1.64
N HIS A 200 21.31 5.74 2.75
N HIS A 200 21.35 5.73 2.74
CA HIS A 200 22.33 5.78 3.80
CA HIS A 200 22.38 5.60 3.77
C HIS A 200 21.71 5.53 5.17
C HIS A 200 21.86 5.63 5.19
N VAL A 201 22.29 4.61 5.94
CA VAL A 201 21.91 4.43 7.33
C VAL A 201 23.22 4.27 8.07
N GLY A 202 23.54 5.27 8.89
CA GLY A 202 24.85 5.34 9.56
C GLY A 202 25.97 5.40 8.54
N ASN A 203 26.89 4.44 8.62
CA ASN A 203 28.02 4.35 7.70
C ASN A 203 27.72 3.48 6.49
N ILE A 204 26.65 2.69 6.57
CA ILE A 204 26.26 1.79 5.49
C ILE A 204 25.62 2.61 4.38
N MET A 205 25.94 2.28 3.13
CA MET A 205 25.31 2.95 2.00
C MET A 205 25.11 2.07 0.77
N LEU A 206 24.07 2.42 0.01
CA LEU A 206 23.73 1.78 -1.23
C LEU A 206 23.40 2.87 -2.24
N GLU A 207 24.22 3.01 -3.28
CA GLU A 207 23.98 4.02 -4.29
C GLU A 207 22.95 3.52 -5.27
N LYS A 208 22.06 4.43 -5.69
CA LYS A 208 21.07 4.13 -6.73
C LYS A 208 20.31 2.83 -6.48
N ALA A 209 19.81 2.69 -5.25
CA ALA A 209 18.92 1.59 -4.86
C ALA A 209 17.54 1.74 -5.51
N ASN A 210 16.93 0.61 -5.83
CA ASN A 210 15.57 0.54 -6.33
C ASN A 210 14.66 0.62 -5.10
N CYS A 211 13.80 1.66 -5.07
CA CYS A 211 12.92 1.89 -3.93
C CYS A 211 11.49 1.84 -4.44
N ILE A 212 10.71 0.92 -3.90
CA ILE A 212 9.33 0.71 -4.33
C ILE A 212 8.45 1.35 -3.27
N VAL A 213 7.59 2.28 -3.68
CA VAL A 213 6.64 2.94 -2.77
C VAL A 213 5.36 2.12 -2.80
N ASP A 214 5.06 1.45 -1.67
CA ASP A 214 4.07 0.38 -1.62
C ASP A 214 3.13 0.53 -0.41
N SER A 215 1.90 0.93 -0.70
CA SER A 215 0.92 1.24 0.35
C SER A 215 0.41 -0.02 1.01
N GLY A 216 0.55 -1.16 0.34
CA GLY A 216 0.07 -2.43 0.91
C GLY A 216 1.09 -3.17 1.74
N THR A 217 2.27 -2.58 1.91
CA THR A 217 3.32 -3.19 2.74
C THR A 217 3.36 -2.49 4.08
N SER A 218 3.20 -3.26 5.16
N SER A 218 3.20 -3.27 5.14
CA SER A 218 3.09 -2.72 6.52
CA SER A 218 3.12 -2.74 6.49
C SER A 218 4.43 -2.34 7.16
C SER A 218 4.42 -2.12 6.98
N ALA A 219 5.54 -2.69 6.54
CA ALA A 219 6.87 -2.39 7.08
C ALA A 219 7.72 -1.61 6.08
N ILE A 220 8.93 -1.24 6.51
CA ILE A 220 10.00 -0.89 5.59
C ILE A 220 10.76 -2.19 5.36
N THR A 221 11.10 -2.51 4.11
CA THR A 221 11.95 -3.69 3.86
C THR A 221 13.29 -3.21 3.31
N VAL A 222 14.32 -3.96 3.65
CA VAL A 222 15.73 -3.58 3.45
C VAL A 222 16.47 -4.83 2.97
N PRO A 223 17.43 -4.72 2.07
CA PRO A 223 18.26 -5.90 1.72
C PRO A 223 18.84 -6.56 2.99
N THR A 224 18.84 -7.89 3.05
CA THR A 224 19.21 -8.61 4.29
C THR A 224 20.61 -8.26 4.79
N ASP A 225 21.59 -8.28 3.89
CA ASP A 225 22.97 -7.89 4.24
C ASP A 225 23.06 -6.47 4.78
N PHE A 226 22.34 -5.55 4.15
CA PHE A 226 22.30 -4.13 4.53
C PHE A 226 21.68 -3.97 5.93
N LEU A 227 20.64 -4.77 6.19
CA LEU A 227 19.98 -4.76 7.51
C LEU A 227 20.92 -5.30 8.60
N ASN A 228 21.41 -6.53 8.41
CA ASN A 228 22.34 -7.16 9.36
C ASN A 228 23.46 -6.20 9.77
N LYS A 229 24.06 -5.52 8.79
CA LYS A 229 25.13 -4.55 9.05
C LYS A 229 24.66 -3.35 9.87
N MET A 230 23.55 -2.74 9.45
CA MET A 230 23.11 -1.47 10.03
C MET A 230 22.66 -1.60 11.48
N LEU A 231 22.34 -2.83 11.90
CA LEU A 231 21.89 -3.09 13.27
C LEU A 231 22.98 -3.59 14.23
N GLN A 232 24.16 -3.91 13.69
CA GLN A 232 25.29 -4.37 14.51
C GLN A 232 25.57 -3.44 15.68
N ASN A 233 25.63 -4.01 16.88
CA ASN A 233 25.98 -3.30 18.12
C ASN A 233 25.05 -2.14 18.47
N LEU A 234 23.76 -2.30 18.24
CA LEU A 234 22.79 -1.23 18.49
C LEU A 234 21.84 -1.49 19.66
N ASP A 235 22.08 -2.61 20.36
CA ASP A 235 21.20 -3.06 21.45
C ASP A 235 19.81 -3.38 20.89
N VAL A 236 19.81 -4.04 19.74
CA VAL A 236 18.62 -4.57 19.08
C VAL A 236 18.79 -6.09 19.02
N ILE A 237 17.78 -6.82 19.47
CA ILE A 237 17.90 -8.28 19.62
C ILE A 237 16.70 -9.04 19.04
N LYS A 238 16.84 -10.36 18.99
CA LYS A 238 15.71 -11.27 18.77
C LYS A 238 15.50 -12.13 20.01
N VAL A 239 14.29 -12.10 20.56
CA VAL A 239 13.93 -12.91 21.72
C VAL A 239 13.48 -14.30 21.27
N PRO A 240 13.77 -15.33 22.07
CA PRO A 240 13.47 -16.72 21.69
C PRO A 240 12.19 -16.87 20.89
N PHE A 241 11.04 -16.50 21.45
CA PHE A 241 9.85 -16.36 20.60
C PHE A 241 8.82 -15.26 20.94
N LEU A 242 9.19 -14.03 20.64
CA LEU A 242 8.25 -12.91 20.68
C LEU A 242 8.34 -12.09 19.38
N PRO A 243 8.38 -10.75 19.43
CA PRO A 243 8.22 -9.93 18.23
C PRO A 243 9.51 -9.52 17.48
N PHE A 244 10.13 -10.46 16.77
CA PHE A 244 11.22 -10.18 15.82
C PHE A 244 12.34 -9.29 16.41
N TYR A 245 12.67 -8.17 15.75
CA TYR A 245 13.67 -7.23 16.28
C TYR A 245 13.04 -6.32 17.31
N VAL A 246 13.55 -6.37 18.54
CA VAL A 246 13.03 -5.55 19.62
C VAL A 246 14.14 -4.66 20.17
N THR A 247 13.74 -3.57 20.84
CA THR A 247 14.68 -2.59 21.38
C THR A 247 13.94 -1.80 22.44
N LEU A 248 14.67 -1.12 23.31
N LEU A 248 14.66 -1.11 23.30
CA LEU A 248 14.06 -0.14 24.20
CA LEU A 248 14.04 -0.16 24.22
C LEU A 248 13.56 1.02 23.36
C LEU A 248 13.60 1.06 23.42
N CYS A 249 12.38 1.53 23.69
CA CYS A 249 11.80 2.66 22.93
C CYS A 249 12.70 3.91 22.97
N ASN A 250 13.43 4.08 24.07
CA ASN A 250 14.33 5.22 24.25
C ASN A 250 15.79 4.98 23.84
N ASN A 251 16.03 3.93 23.05
CA ASN A 251 17.38 3.58 22.58
C ASN A 251 17.98 4.65 21.67
N SER A 252 19.07 5.28 22.13
CA SER A 252 19.67 6.41 21.42
C SER A 252 20.62 5.97 20.30
N LYS A 253 20.86 4.67 20.18
CA LYS A 253 21.73 4.16 19.12
C LYS A 253 20.97 3.94 17.81
N LEU A 254 19.65 4.06 17.87
CA LEU A 254 18.81 3.76 16.69
C LEU A 254 19.04 4.78 15.58
N PRO A 255 19.28 4.28 14.37
CA PRO A 255 19.66 5.12 13.25
C PRO A 255 18.49 5.72 12.48
N THR A 256 18.80 6.74 11.69
CA THR A 256 17.84 7.40 10.82
C THR A 256 18.15 6.98 9.39
N PHE A 257 17.15 6.47 8.67
CA PHE A 257 17.29 6.18 7.25
C PHE A 257 17.41 7.49 6.51
N GLU A 258 18.34 7.56 5.56
CA GLU A 258 18.41 8.71 4.65
C GLU A 258 18.43 8.27 3.19
N PHE A 259 17.44 8.75 2.44
CA PHE A 259 17.34 8.45 1.02
C PHE A 259 17.49 9.76 0.27
N THR A 260 18.39 9.79 -0.70
CA THR A 260 18.64 11.02 -1.45
C THR A 260 18.61 10.85 -2.96
N SER A 261 18.25 11.94 -3.63
CA SER A 261 18.37 12.05 -5.08
C SER A 261 18.94 13.42 -5.38
N GLU A 262 19.17 13.68 -6.65
CA GLU A 262 19.54 15.05 -7.07
C GLU A 262 18.44 16.05 -6.68
N ASN A 263 17.19 15.56 -6.60
CA ASN A 263 16.01 16.39 -6.33
C ASN A 263 15.68 16.62 -4.84
N GLY A 264 15.94 15.64 -3.99
CA GLY A 264 15.43 15.65 -2.63
C GLY A 264 16.15 14.77 -1.63
N LYS A 265 15.78 14.95 -0.37
CA LYS A 265 16.30 14.19 0.75
C LYS A 265 15.10 13.79 1.58
N TYR A 266 14.99 12.52 1.92
CA TYR A 266 13.87 11.97 2.71
C TYR A 266 14.47 11.14 3.81
N THR A 267 14.02 11.39 5.04
CA THR A 267 14.57 10.69 6.19
C THR A 267 13.49 9.97 6.97
N LEU A 268 13.87 8.87 7.61
CA LEU A 268 12.94 8.15 8.46
C LEU A 268 13.57 7.87 9.81
N GLU A 269 13.18 8.69 10.78
CA GLU A 269 13.68 8.61 12.15
C GLU A 269 13.04 7.44 12.93
N PRO A 270 13.69 6.95 13.98
CA PRO A 270 13.17 5.84 14.76
C PRO A 270 11.69 5.99 15.17
N GLU A 271 11.25 7.21 15.49
CA GLU A 271 9.85 7.40 15.89
C GLU A 271 8.83 6.92 14.85
N TYR A 272 9.26 6.83 13.58
CA TYR A 272 8.37 6.40 12.49
C TYR A 272 8.43 4.89 12.22
N TYR A 273 9.50 4.22 12.66
CA TYR A 273 9.61 2.78 12.40
C TYR A 273 9.55 1.87 13.63
N LEU A 274 9.31 2.48 14.80
CA LEU A 274 9.15 1.73 16.06
C LEU A 274 7.68 1.53 16.42
N GLN A 275 7.35 0.32 16.83
CA GLN A 275 6.00 -0.06 17.29
C GLN A 275 6.09 -0.43 18.77
N HIS A 276 5.39 0.31 19.62
CA HIS A 276 5.34 -0.02 21.05
C HIS A 276 4.74 -1.40 21.28
N ILE A 277 5.36 -2.17 22.17
CA ILE A 277 4.79 -3.45 22.63
C ILE A 277 4.83 -3.48 24.16
N GLU A 278 4.21 -2.45 24.75
CA GLU A 278 4.22 -2.23 26.20
C GLU A 278 3.64 -3.41 26.98
N ASP A 279 2.67 -4.10 26.39
CA ASP A 279 2.03 -5.24 27.06
C ASP A 279 3.00 -6.40 27.33
N VAL A 280 4.10 -6.45 26.59
CA VAL A 280 5.08 -7.49 26.81
C VAL A 280 6.23 -7.05 27.72
N GLY A 281 6.44 -5.74 27.83
CA GLY A 281 7.48 -5.20 28.70
C GLY A 281 7.52 -3.67 28.70
N PRO A 282 7.73 -3.08 29.87
CA PRO A 282 7.76 -1.61 29.99
C PRO A 282 8.86 -0.99 29.16
N GLY A 283 8.49 -0.06 28.29
CA GLY A 283 9.42 0.64 27.41
C GLY A 283 9.96 -0.17 26.25
N LEU A 284 9.30 -1.29 25.92
CA LEU A 284 9.78 -2.16 24.82
C LEU A 284 9.12 -1.82 23.47
N CYS A 285 9.92 -1.85 22.41
CA CYS A 285 9.44 -1.60 21.05
C CYS A 285 9.91 -2.67 20.08
N MET A 286 9.16 -2.84 18.99
CA MET A 286 9.55 -3.69 17.88
C MET A 286 9.95 -2.79 16.69
N LEU A 287 10.98 -3.17 15.95
N LEU A 287 10.99 -3.17 15.97
CA LEU A 287 11.37 -2.40 14.76
CA LEU A 287 11.37 -2.48 14.74
C LEU A 287 10.56 -2.89 13.56
C LEU A 287 10.46 -2.94 13.62
N ASN A 288 9.80 -1.99 12.96
CA ASN A 288 8.91 -2.33 11.85
C ASN A 288 9.68 -2.37 10.51
N ILE A 289 10.71 -3.21 10.48
CA ILE A 289 11.64 -3.38 9.37
C ILE A 289 11.84 -4.87 9.16
N ILE A 290 11.86 -5.28 7.90
CA ILE A 290 12.20 -6.66 7.58
C ILE A 290 13.29 -6.71 6.52
N GLY A 291 14.05 -7.79 6.55
CA GLY A 291 15.09 -8.03 5.55
C GLY A 291 14.48 -8.80 4.41
N LEU A 292 14.66 -8.29 3.19
CA LEU A 292 14.10 -8.96 2.02
C LEU A 292 15.00 -8.74 0.82
N ASP A 293 15.40 -9.84 0.18
CA ASP A 293 16.29 -9.76 -0.97
C ASP A 293 15.54 -9.84 -2.29
N PHE A 294 15.88 -8.92 -3.20
CA PHE A 294 15.37 -8.93 -4.56
C PHE A 294 16.54 -9.26 -5.50
N PRO A 295 16.26 -9.67 -6.75
CA PRO A 295 17.33 -9.93 -7.72
C PRO A 295 18.28 -8.76 -7.91
N VAL A 296 17.82 -7.56 -7.56
CA VAL A 296 18.63 -6.34 -7.51
C VAL A 296 18.34 -5.60 -6.17
N PRO A 297 19.34 -4.93 -5.58
CA PRO A 297 19.17 -4.26 -4.28
C PRO A 297 17.98 -3.29 -4.27
N THR A 298 17.08 -3.49 -3.31
CA THR A 298 15.75 -2.89 -3.35
C THR A 298 15.24 -2.63 -1.95
N PHE A 299 14.66 -1.43 -1.74
CA PHE A 299 13.98 -1.10 -0.49
C PHE A 299 12.50 -0.97 -0.82
N ILE A 300 11.64 -1.54 0.03
CA ILE A 300 10.21 -1.23 -0.03
C ILE A 300 9.85 -0.15 1.00
N LEU A 301 9.50 1.01 0.47
CA LEU A 301 9.10 2.13 1.33
C LEU A 301 7.59 1.98 1.53
N GLY A 302 7.26 1.20 2.56
CA GLY A 302 5.86 0.87 2.88
C GLY A 302 5.23 1.88 3.80
N ASP A 303 4.20 1.44 4.50
CA ASP A 303 3.42 2.35 5.36
C ASP A 303 4.20 3.26 6.35
N PRO A 304 5.27 2.78 7.00
CA PRO A 304 6.00 3.65 7.93
C PRO A 304 6.54 4.90 7.20
N PHE A 305 7.04 4.72 5.98
CA PHE A 305 7.49 5.85 5.18
C PHE A 305 6.33 6.74 4.74
N MET A 306 5.25 6.12 4.22
CA MET A 306 4.11 6.86 3.70
C MET A 306 3.33 7.57 4.84
N ARG A 307 3.46 7.11 6.07
CA ARG A 307 2.86 7.89 7.19
C ARG A 307 3.54 9.23 7.44
N LYS A 308 4.86 9.28 7.23
CA LYS A 308 5.58 10.55 7.39
C LYS A 308 5.46 11.42 6.17
N TYR A 309 5.52 10.80 4.98
CA TYR A 309 5.50 11.56 3.74
C TYR A 309 4.22 11.37 2.92
N PHE A 310 3.56 12.48 2.66
CA PHE A 310 2.49 12.57 1.64
C PHE A 310 3.08 12.16 0.29
N THR A 311 2.35 11.33 -0.46
CA THR A 311 2.90 10.87 -1.76
C THR A 311 1.91 11.07 -2.89
N VAL A 312 2.47 11.37 -4.06
CA VAL A 312 1.75 11.67 -5.28
C VAL A 312 2.21 10.69 -6.34
N PHE A 313 1.22 10.05 -6.96
CA PHE A 313 1.50 8.97 -7.92
C PHE A 313 0.97 9.44 -9.26
N ASP A 314 1.89 9.78 -10.17
CA ASP A 314 1.49 10.49 -11.37
C ASP A 314 1.70 9.62 -12.62
N TYR A 315 0.62 9.14 -13.21
CA TYR A 315 0.70 8.32 -14.43
C TYR A 315 1.09 9.14 -15.67
N ASP A 316 0.61 10.38 -15.76
CA ASP A 316 0.89 11.22 -16.93
C ASP A 316 2.37 11.54 -17.06
N ASN A 317 3.02 11.81 -15.92
CA ASN A 317 4.43 12.20 -15.89
C ASN A 317 5.37 11.10 -15.42
N HIS A 318 4.84 9.90 -15.19
CA HIS A 318 5.64 8.73 -14.80
C HIS A 318 6.57 9.05 -13.64
N SER A 319 5.98 9.56 -12.55
CA SER A 319 6.79 10.00 -11.43
C SER A 319 6.06 9.83 -10.10
N VAL A 320 6.81 9.87 -9.00
CA VAL A 320 6.23 9.86 -7.66
C VAL A 320 6.64 11.18 -7.02
N GLY A 321 5.68 11.93 -6.47
CA GLY A 321 6.05 13.13 -5.72
C GLY A 321 5.98 12.86 -4.23
N ILE A 322 6.86 13.52 -3.47
CA ILE A 322 7.02 13.25 -2.05
C ILE A 322 7.14 14.56 -1.30
N ALA A 323 6.32 14.71 -0.26
CA ALA A 323 6.37 15.89 0.60
C ALA A 323 6.03 15.48 2.03
N LEU A 324 6.49 16.26 3.01
N LEU A 324 6.47 16.27 3.01
CA LEU A 324 6.15 16.01 4.41
CA LEU A 324 6.15 15.99 4.40
C LEU A 324 4.62 16.08 4.57
C LEU A 324 4.63 16.10 4.61
N ALA A 325 4.03 15.09 5.23
CA ALA A 325 2.57 15.05 5.46
C ALA A 325 2.32 16.04 6.59
N LYS A 326 1.25 16.82 6.51
CA LYS A 326 0.84 17.61 7.68
C LYS A 326 0.55 16.68 8.87
N LYS A 327 0.95 17.11 10.07
CA LYS A 327 0.84 16.24 11.24
C LYS A 327 -0.58 16.02 11.74
N ASN A 328 -1.48 16.96 11.41
CA ASN A 328 -2.88 16.93 11.83
C ASN A 328 -3.76 17.43 10.69
N LEU A 329 -5.04 17.05 10.72
CA LEU A 329 -5.97 17.41 9.66
C LEU A 329 -7.32 17.93 10.19
O25 A1T B . 0.37 -10.69 -4.01
O25 A1T B . 0.49 -10.97 -3.42
C23 A1T B . -0.49 -9.99 -3.48
C23 A1T B . -0.42 -10.19 -3.16
C26 A1T B . -1.89 -10.51 -3.58
C26 A1T B . -1.83 -10.69 -3.37
C30 A1T B . -2.26 -11.57 -2.74
C30 A1T B . -2.37 -11.57 -2.44
C34 A1T B . -3.54 -12.09 -2.84
C34 A1T B . -3.67 -12.06 -2.62
C36 A1T B . -4.42 -11.55 -3.78
C36 A1T B . -4.39 -11.64 -3.74
C38 A1T B . -5.82 -12.11 -3.89
C38 A1T B . -5.80 -12.15 -3.97
C40 A1T B . -6.77 -11.35 -2.97
C40 A1T B . -6.81 -11.23 -3.29
C43 A1T B . -8.19 -11.87 -3.17
C43 A1T B . -8.20 -11.89 -3.26
C46 A1T B . -9.15 -11.12 -2.26
C46 A1T B . -9.21 -10.97 -2.59
C48 A1T B . -10.51 -11.80 -2.24
C48 A1T B . -10.64 -11.44 -2.85
C33 A1T B . -4.01 -10.50 -4.61
C33 A1T B . -3.80 -10.75 -4.66
N29 A1T B . -2.75 -10.02 -4.50
N29 A1T B . -2.55 -10.31 -4.46
N22 A1T B . -0.16 -8.85 -2.87
N22 A1T B . -0.17 -8.95 -2.73
C24 A1T B . 1.27 -8.51 -2.88
C24 A1T B . 1.27 -8.55 -2.70
C28 A1T B . 1.78 -8.11 -1.49
C28 A1T B . 1.72 -8.07 -1.32
C32 A1T B . 3.29 -7.84 -1.60
C32 A1T B . 3.23 -7.74 -1.37
N35 A1T B . 3.42 -6.74 -2.56
N35 A1T B . 3.41 -6.73 -2.42
C37 A1T B . 4.70 -6.03 -2.41
C37 A1T B . 4.70 -6.03 -2.36
C39 A1T B . 5.80 -6.47 -3.36
C39 A1T B . 5.90 -6.88 -2.71
C42 A1T B . 6.39 -5.53 -4.21
C42 A1T B . 6.45 -6.82 -4.00
C45 A1T B . 7.41 -5.93 -5.06
C45 A1T B . 7.55 -7.62 -4.30
C47 A1T B . 7.80 -7.26 -5.06
C47 A1T B . 8.08 -8.46 -3.31
C44 A1T B . 7.19 -8.17 -4.19
C44 A1T B . 7.50 -8.47 -2.05
N41 A1T B . 6.22 -7.75 -3.36
N41 A1T B . 6.45 -7.69 -1.77
C31 A1T B . 3.02 -7.06 -3.93
C31 A1T B . 3.03 -7.16 -3.77
C27 A1T B . 1.52 -7.38 -3.88
C27 A1T B . 1.53 -7.46 -3.74
C21 A1T B . -1.07 -7.86 -2.27
C21 A1T B . -1.14 -7.94 -2.29
C20 A1T B . -1.28 -7.93 -0.77
C20 A1T B . -1.39 -7.95 -0.81
C18 A1T B . -1.10 -9.09 0.01
C18 A1T B . -1.73 -9.14 -0.14
C16 A1T B . -1.32 -9.05 1.38
C16 A1T B . -1.96 -9.13 1.25
C19 A1T B . -1.69 -6.75 -0.17
C19 A1T B . -1.26 -6.75 -0.10
C17 A1T B . -1.93 -6.72 1.20
C17 A1T B . -1.48 -6.74 1.29
C15 A1T B . -1.73 -7.86 1.99
C15 A1T B . -1.83 -7.92 1.96
C14 A1T B . -2.05 -7.70 3.44
C14 A1T B . -2.07 -7.87 3.43
C11 A1T B . -3.00 -8.55 4.00
C11 A1T B . -2.92 -6.91 3.98
C7 A1T B . -3.37 -8.43 5.33
C7 A1T B . -3.13 -6.86 5.36
C12 A1T B . -1.50 -6.67 4.22
C12 A1T B . -1.41 -8.76 4.28
C8 A1T B . -1.88 -6.54 5.56
C8 A1T B . -1.61 -8.71 5.65
C4 A1T B . -2.81 -7.42 6.13
C4 A1T B . -2.48 -7.77 6.21
C2 A1T B . -3.22 -7.28 7.57
C2 A1T B . -2.71 -7.67 7.70
O1 A1T B . -3.74 -6.21 7.89
O1 A1T B . -3.05 -6.59 8.15
N3 A1T B . -3.06 -8.23 8.50
N3 A1T B . -2.55 -8.71 8.55
C6 A1T B . -2.45 -9.54 8.22
C6 A1T B . -2.13 -10.06 8.14
C10 A1T B . -3.60 -10.53 8.39
C10 A1T B . -3.10 -11.07 8.76
C13 A1T B . -4.13 -10.47 9.84
C13 A1T B . -3.15 -10.85 10.28
C9 A1T B . -4.57 -9.05 10.18
C9 A1T B . -3.70 -9.46 10.57
C5 A1T B . -3.48 -8.02 9.89
C5 A1T B . -2.81 -8.38 9.96
#